data_6ALE
#
_entry.id   6ALE
#
_cell.length_a   76.653
_cell.length_b   66.913
_cell.length_c   64.712
_cell.angle_alpha   90.000
_cell.angle_beta   92.470
_cell.angle_gamma   90.000
#
_symmetry.space_group_name_H-M   'C 1 2 1'
#
loop_
_entity.id
_entity.type
_entity.pdbx_description
1 polymer 'Small conductance calcium-activated potassium channel protein 2'
2 polymer Calmodulin-2
3 non-polymer 'SULFATE ION'
4 non-polymer (3E)-6,7-dichloro-3-(hydroxyimino)-1,3-dihydro-2H-indol-2-one
5 non-polymer GLYCEROL
6 non-polymer 'CALCIUM ION'
7 water water
#
loop_
_entity_poly.entity_id
_entity_poly.type
_entity_poly.pdbx_seq_one_letter_code
_entity_poly.pdbx_strand_id
1 'polypeptide(L)'
;GRKLELTKAEKHFHNFMMDTQLTKRVKNAAANVLRETWLIYKNTKLVKKIDHAKVRKHQRKFLQAIHQLRSVKMEQRKLN
DQANTLVDLAKTQLE
;
B
2 'polypeptide(L)'
;AALTEEQIAEFKEAFSLFDKDGDGTITTKELGTVMRSLGQNPTEAELQDMINEVDADGNGTIDFPEFLTMMARKMKDTDS
EEEIREAFRVFDKDGNGYISAAELRHVMTNLGEKLTDEEVDEMIREADIDGDGQVNYEEFVQMMTA
;
R
#
loop_
_chem_comp.id
_chem_comp.type
_chem_comp.name
_chem_comp.formula
1KP non-polymer (3E)-6,7-dichloro-3-(hydroxyimino)-1,3-dihydro-2H-indol-2-one 'C8 H4 Cl2 N2 O2'
CA non-polymer 'CALCIUM ION' 'Ca 2'
GOL non-polymer GLYCEROL 'C3 H8 O3'
SO4 non-polymer 'SULFATE ION' 'O4 S -2'
#
# COMPACT_ATOMS: atom_id res chain seq x y z
N GLY A 1 4.49 -16.81 15.66
CA GLY A 1 3.91 -16.49 14.36
C GLY A 1 4.47 -15.22 13.75
N ARG A 2 3.65 -14.55 12.94
CA ARG A 2 4.13 -13.37 12.21
C ARG A 2 4.33 -12.17 13.13
N LYS A 3 3.65 -12.13 14.28
CA LYS A 3 3.63 -10.96 15.14
C LYS A 3 3.19 -9.73 14.36
N LEU A 4 4.11 -8.80 14.12
CA LEU A 4 3.80 -7.51 13.54
C LEU A 4 4.41 -7.32 12.16
N GLU A 5 4.77 -8.40 11.48
CA GLU A 5 5.27 -8.26 10.14
C GLU A 5 4.11 -8.16 9.15
N LEU A 6 4.37 -7.51 8.03
CA LEU A 6 3.38 -7.41 6.98
C LEU A 6 4.04 -7.70 5.65
N THR A 7 3.20 -7.94 4.65
CA THR A 7 3.66 -8.30 3.32
C THR A 7 4.62 -7.26 2.78
N LYS A 8 5.70 -7.73 2.17
CA LYS A 8 6.72 -6.83 1.64
C LYS A 8 6.31 -6.27 0.29
N ALA A 9 6.42 -4.96 0.13
CA ALA A 9 5.96 -4.31 -1.10
C ALA A 9 6.93 -4.54 -2.23
N GLU A 10 6.41 -4.56 -3.46
CA GLU A 10 7.20 -4.94 -4.61
C GLU A 10 8.00 -3.76 -5.14
N LYS A 11 8.71 -3.99 -6.25
CA LYS A 11 9.91 -3.24 -6.60
C LYS A 11 9.71 -2.27 -7.77
N HIS A 12 9.28 -2.75 -8.93
CA HIS A 12 9.28 -1.91 -10.13
C HIS A 12 8.02 -2.19 -10.96
N PHE A 13 7.98 -1.59 -12.15
CA PHE A 13 6.86 -1.62 -13.08
C PHE A 13 6.41 -3.02 -13.48
N HIS A 14 7.03 -4.06 -12.91
CA HIS A 14 6.83 -5.43 -13.36
C HIS A 14 5.49 -6.04 -12.95
N ASN A 15 4.39 -5.26 -13.00
CA ASN A 15 3.07 -5.76 -12.62
C ASN A 15 2.01 -4.71 -12.91
N PHE A 16 0.76 -5.16 -12.91
CA PHE A 16 -0.46 -4.34 -13.04
C PHE A 16 -0.57 -3.64 -14.39
N MET A 17 0.30 -3.94 -15.33
CA MET A 17 0.13 -3.47 -16.70
C MET A 17 -0.81 -4.37 -17.50
N MET A 18 -1.28 -5.47 -16.90
CA MET A 18 -2.34 -6.25 -17.52
C MET A 18 -3.58 -5.40 -17.74
N ASP A 19 -3.78 -4.37 -16.93
CA ASP A 19 -4.71 -3.30 -17.26
C ASP A 19 -4.14 -2.53 -18.45
N THR A 20 -4.58 -2.89 -19.66
CA THR A 20 -4.07 -2.24 -20.86
C THR A 20 -4.28 -0.72 -20.82
N GLN A 21 -5.23 -0.23 -20.02
CA GLN A 21 -5.50 1.20 -19.97
C GLN A 21 -4.35 1.97 -19.32
N LEU A 22 -3.79 1.44 -18.23
CA LEU A 22 -2.56 2.03 -17.72
C LEU A 22 -1.44 1.86 -18.72
N THR A 23 -1.42 0.72 -19.42
CA THR A 23 -0.40 0.48 -20.44
C THR A 23 -0.52 1.49 -21.56
N LYS A 24 -1.75 1.76 -22.01
CA LYS A 24 -1.96 2.80 -23.01
C LYS A 24 -1.53 4.16 -22.45
N ARG A 25 -1.84 4.42 -21.18
CA ARG A 25 -1.42 5.67 -20.55
C ARG A 25 0.10 5.78 -20.46
N VAL A 26 0.78 4.69 -20.05
CA VAL A 26 2.24 4.76 -19.93
C VAL A 26 2.88 4.98 -21.31
N LYS A 27 2.42 4.25 -22.32
CA LYS A 27 3.14 4.32 -23.58
C LYS A 27 2.96 5.67 -24.26
N ASN A 28 1.77 6.27 -24.15
CA ASN A 28 1.56 7.58 -24.73
C ASN A 28 2.30 8.68 -23.97
N ALA A 29 2.24 8.66 -22.63
CA ALA A 29 2.92 9.71 -21.88
C ALA A 29 4.45 9.60 -22.01
N ALA A 30 4.99 8.39 -22.08
CA ALA A 30 6.44 8.24 -22.23
C ALA A 30 6.91 8.68 -23.62
N ALA A 31 6.14 8.38 -24.67
CA ALA A 31 6.50 8.90 -25.98
C ALA A 31 6.53 10.43 -25.93
N ASN A 32 5.61 11.04 -25.20
CA ASN A 32 5.57 12.49 -25.15
C ASN A 32 6.71 13.07 -24.31
N VAL A 33 7.16 12.36 -23.29
CA VAL A 33 8.39 12.74 -22.60
C VAL A 33 9.57 12.72 -23.58
N LEU A 34 9.71 11.63 -24.34
CA LEU A 34 10.73 11.60 -25.38
C LEU A 34 10.56 12.77 -26.35
N ARG A 35 9.32 13.00 -26.80
CA ARG A 35 9.03 14.00 -27.83
C ARG A 35 9.44 15.40 -27.36
N GLU A 36 9.03 15.78 -26.16
CA GLU A 36 9.29 17.14 -25.70
C GLU A 36 10.69 17.31 -25.14
N THR A 37 11.34 16.25 -24.66
CA THR A 37 12.74 16.36 -24.30
C THR A 37 13.58 16.66 -25.54
N TRP A 38 13.37 15.89 -26.61
CA TRP A 38 14.03 16.20 -27.86
C TRP A 38 13.74 17.63 -28.32
N LEU A 39 12.46 18.03 -28.34
CA LEU A 39 12.15 19.34 -28.93
C LEU A 39 12.66 20.49 -28.08
N ILE A 40 12.78 20.29 -26.78
CA ILE A 40 13.36 21.34 -25.95
C ILE A 40 14.86 21.39 -26.17
N TYR A 41 15.50 20.22 -26.21
CA TYR A 41 16.93 20.17 -26.48
C TYR A 41 17.23 20.85 -27.82
N LYS A 42 16.49 20.48 -28.86
CA LYS A 42 16.74 21.02 -30.19
C LYS A 42 16.56 22.53 -30.21
N ASN A 43 15.44 23.01 -29.67
CA ASN A 43 15.11 24.41 -29.68
C ASN A 43 15.93 25.24 -28.70
N THR A 44 16.77 24.62 -27.87
CA THR A 44 17.65 25.41 -27.03
C THR A 44 19.12 25.13 -27.27
N LYS A 45 19.50 23.98 -27.82
CA LYS A 45 20.90 23.65 -28.00
C LYS A 45 21.32 23.41 -29.44
N LEU A 46 20.39 23.16 -30.37
CA LEU A 46 20.77 22.88 -31.74
C LEU A 46 20.31 23.96 -32.70
N VAL A 47 20.12 25.18 -32.23
CA VAL A 47 19.73 26.30 -33.08
C VAL A 47 20.59 27.49 -32.72
N LYS A 48 20.82 28.36 -33.71
CA LYS A 48 21.45 29.65 -33.44
C LYS A 48 20.51 30.62 -32.74
N LYS A 49 19.21 30.36 -32.81
CA LYS A 49 18.15 31.36 -32.61
C LYS A 49 17.10 30.79 -31.65
N ILE A 50 17.25 31.02 -30.36
CA ILE A 50 16.33 30.38 -29.42
C ILE A 50 14.99 31.12 -29.47
N ASP A 51 13.97 30.41 -29.94
CA ASP A 51 12.60 30.90 -30.02
C ASP A 51 11.92 30.57 -28.70
N HIS A 52 11.92 31.54 -27.79
CA HIS A 52 11.46 31.28 -26.42
C HIS A 52 10.00 30.82 -26.38
N ALA A 53 9.15 31.36 -27.27
CA ALA A 53 7.76 30.90 -27.29
C ALA A 53 7.68 29.42 -27.65
N LYS A 54 8.56 28.96 -28.54
CA LYS A 54 8.57 27.55 -28.89
C LYS A 54 9.01 26.70 -27.70
N VAL A 55 10.01 27.16 -26.96
CA VAL A 55 10.46 26.43 -25.79
C VAL A 55 9.37 26.39 -24.73
N ARG A 56 8.62 27.49 -24.59
CA ARG A 56 7.53 27.51 -23.63
C ARG A 56 6.47 26.46 -23.97
N LYS A 57 6.08 26.40 -25.24
CA LYS A 57 5.09 25.42 -25.68
C LYS A 57 5.51 24.00 -25.27
N HIS A 58 6.79 23.67 -25.49
CA HIS A 58 7.25 22.31 -25.24
C HIS A 58 7.59 22.07 -23.79
N GLN A 59 7.92 23.11 -23.03
CA GLN A 59 8.01 22.97 -21.58
C GLN A 59 6.66 22.63 -20.97
N ARG A 60 5.59 23.26 -21.44
CA ARG A 60 4.26 22.91 -20.97
C ARG A 60 3.88 21.50 -21.38
N LYS A 61 4.25 21.11 -22.59
CA LYS A 61 3.96 19.74 -23.00
C LYS A 61 4.83 18.75 -22.24
N PHE A 62 6.05 19.15 -21.89
CA PHE A 62 6.95 18.28 -21.15
C PHE A 62 6.46 18.02 -19.74
N LEU A 63 6.16 19.07 -18.98
CA LEU A 63 5.64 18.89 -17.63
C LEU A 63 4.35 18.08 -17.63
N GLN A 64 3.56 18.20 -18.69
CA GLN A 64 2.33 17.43 -18.80
C GLN A 64 2.61 15.93 -18.89
N ALA A 65 3.57 15.55 -19.75
CA ALA A 65 3.88 14.14 -19.92
C ALA A 65 4.59 13.57 -18.69
N ILE A 66 5.46 14.35 -18.06
CA ILE A 66 6.14 13.87 -16.85
C ILE A 66 5.13 13.58 -15.75
N HIS A 67 4.25 14.53 -15.46
CA HIS A 67 3.27 14.31 -14.40
C HIS A 67 2.24 13.24 -14.75
N GLN A 68 1.88 13.07 -16.02
CA GLN A 68 1.14 11.88 -16.41
C GLN A 68 1.88 10.60 -16.01
N LEU A 69 3.18 10.52 -16.32
CA LEU A 69 3.96 9.38 -15.88
C LEU A 69 3.97 9.26 -14.36
N ARG A 70 4.24 10.37 -13.65
CA ARG A 70 4.17 10.31 -12.20
C ARG A 70 2.83 9.77 -11.75
N SER A 71 1.76 10.22 -12.40
CA SER A 71 0.43 9.85 -11.96
C SER A 71 0.18 8.35 -12.12
N VAL A 72 0.65 7.76 -13.23
CA VAL A 72 0.58 6.30 -13.40
C VAL A 72 1.41 5.58 -12.33
N LYS A 73 2.59 6.11 -11.99
CA LYS A 73 3.41 5.41 -11.01
C LYS A 73 2.74 5.39 -9.64
N MET A 74 2.08 6.48 -9.27
CA MET A 74 1.44 6.52 -7.97
C MET A 74 0.23 5.60 -7.94
N GLU A 75 -0.49 5.48 -9.05
CA GLU A 75 -1.61 4.54 -9.07
C GLU A 75 -1.14 3.09 -9.03
N GLN A 76 0.02 2.76 -9.61
CA GLN A 76 0.61 1.44 -9.42
C GLN A 76 0.96 1.21 -7.96
N ARG A 77 1.58 2.20 -7.32
CA ARG A 77 1.90 2.04 -5.91
C ARG A 77 0.63 1.82 -5.09
N LYS A 78 -0.45 2.48 -5.45
CA LYS A 78 -1.70 2.33 -4.72
C LYS A 78 -2.33 0.97 -4.95
N LEU A 79 -2.30 0.48 -6.20
CA LEU A 79 -2.83 -0.84 -6.47
C LEU A 79 -2.07 -1.92 -5.71
N ASN A 80 -0.74 -1.82 -5.67
CA ASN A 80 0.03 -2.84 -4.97
C ASN A 80 -0.34 -2.87 -3.50
N ASP A 81 -0.54 -1.70 -2.89
CA ASP A 81 -0.86 -1.73 -1.47
C ASP A 81 -2.26 -2.22 -1.22
N GLN A 82 -3.20 -1.90 -2.10
CA GLN A 82 -4.53 -2.50 -2.00
C GLN A 82 -4.43 -4.01 -2.10
N ALA A 83 -3.55 -4.51 -2.96
CA ALA A 83 -3.39 -5.96 -3.06
C ALA A 83 -2.69 -6.52 -1.82
N ASN A 84 -1.66 -5.82 -1.34
CA ASN A 84 -0.99 -6.29 -0.14
C ASN A 84 -1.91 -6.25 1.07
N THR A 85 -2.93 -5.41 1.05
CA THR A 85 -3.91 -5.42 2.13
C THR A 85 -4.68 -6.73 2.15
N LEU A 86 -5.16 -7.17 1.00
CA LEU A 86 -5.83 -8.45 0.91
C LEU A 86 -4.89 -9.59 1.28
N VAL A 87 -3.64 -9.54 0.81
CA VAL A 87 -2.71 -10.62 1.14
C VAL A 87 -2.46 -10.63 2.65
N ASP A 88 -2.40 -9.45 3.26
CA ASP A 88 -2.19 -9.36 4.70
C ASP A 88 -3.39 -9.87 5.48
N LEU A 89 -4.60 -9.57 5.04
CA LEU A 89 -5.79 -10.08 5.74
C LEU A 89 -5.86 -11.60 5.62
N ALA A 90 -5.68 -12.12 4.41
CA ALA A 90 -5.57 -13.56 4.21
C ALA A 90 -4.52 -14.18 5.12
N LYS A 91 -3.35 -13.54 5.22
CA LYS A 91 -2.25 -14.13 5.97
C LYS A 91 -2.52 -14.24 7.47
N THR A 92 -3.55 -13.58 8.00
CA THR A 92 -3.79 -13.73 9.43
C THR A 92 -4.43 -15.06 9.76
N GLN A 93 -4.81 -15.84 8.75
CA GLN A 93 -5.35 -17.18 8.97
C GLN A 93 -4.24 -18.22 9.16
N LEU A 94 -2.99 -17.82 9.11
CA LEU A 94 -1.88 -18.69 9.46
C LEU A 94 -1.54 -18.67 10.94
N GLU A 95 -2.15 -17.76 11.72
CA GLU A 95 -1.87 -17.60 13.15
C GLU A 95 -2.52 -18.68 14.02
N ALA B 1 7.67 -17.94 -4.16
CA ALA B 1 6.67 -18.27 -5.17
C ALA B 1 6.37 -19.78 -5.23
N ALA B 2 6.37 -20.45 -4.07
CA ALA B 2 6.03 -21.87 -3.95
C ALA B 2 6.01 -22.30 -2.49
N LEU B 3 4.83 -22.40 -1.86
CA LEU B 3 4.86 -22.63 -0.41
C LEU B 3 4.07 -23.86 0.03
N THR B 4 3.92 -24.00 1.35
CA THR B 4 3.67 -25.27 2.02
C THR B 4 2.21 -25.71 1.85
N GLU B 5 1.95 -26.97 2.20
CA GLU B 5 0.60 -27.52 2.09
C GLU B 5 -0.29 -27.14 3.26
N GLU B 6 0.28 -26.97 4.46
CA GLU B 6 -0.55 -26.50 5.57
C GLU B 6 -1.19 -25.16 5.25
N GLN B 7 -0.48 -24.30 4.54
CA GLN B 7 -1.01 -22.98 4.25
C GLN B 7 -2.16 -23.05 3.26
N ILE B 8 -2.16 -24.06 2.39
CA ILE B 8 -3.28 -24.28 1.45
C ILE B 8 -4.59 -24.37 2.21
N ALA B 9 -4.64 -25.25 3.23
CA ALA B 9 -5.84 -25.35 4.07
C ALA B 9 -6.11 -24.06 4.81
N GLU B 10 -5.06 -23.30 5.15
CA GLU B 10 -5.26 -22.04 5.89
C GLU B 10 -5.88 -20.98 4.98
N PHE B 11 -5.33 -20.83 3.77
CA PHE B 11 -5.83 -19.85 2.83
C PHE B 11 -7.24 -20.15 2.36
N LYS B 12 -7.69 -21.40 2.48
CA LYS B 12 -9.08 -21.72 2.22
C LYS B 12 -9.99 -21.06 3.25
N GLU B 13 -9.60 -21.09 4.52
CA GLU B 13 -10.38 -20.38 5.54
C GLU B 13 -10.37 -18.87 5.29
N ALA B 14 -9.22 -18.34 4.87
CA ALA B 14 -9.15 -16.94 4.47
C ALA B 14 -10.13 -16.64 3.35
N PHE B 15 -10.32 -17.57 2.42
CA PHE B 15 -11.17 -17.33 1.25
C PHE B 15 -12.59 -16.96 1.66
N SER B 16 -13.10 -17.51 2.76
CA SER B 16 -14.46 -17.19 3.17
C SER B 16 -14.58 -15.75 3.69
N LEU B 17 -13.48 -15.16 4.17
CA LEU B 17 -13.52 -13.75 4.51
C LEU B 17 -13.88 -12.90 3.30
N PHE B 18 -13.58 -13.42 2.10
CA PHE B 18 -13.69 -12.68 0.86
C PHE B 18 -14.94 -13.04 0.08
N ASP B 19 -15.25 -14.33 0.02
CA ASP B 19 -16.41 -14.82 -0.71
C ASP B 19 -17.67 -14.58 0.12
N LYS B 20 -18.15 -13.34 0.09
CA LYS B 20 -19.18 -12.90 1.02
C LYS B 20 -20.48 -13.71 0.92
N ASP B 21 -20.74 -14.37 -0.21
CA ASP B 21 -21.95 -15.17 -0.35
C ASP B 21 -21.67 -16.67 -0.23
N GLY B 22 -20.43 -17.11 -0.46
CA GLY B 22 -20.12 -18.51 -0.42
C GLY B 22 -20.35 -19.25 -1.73
N ASP B 23 -20.34 -18.55 -2.86
CA ASP B 23 -20.56 -19.17 -4.16
C ASP B 23 -19.27 -19.68 -4.81
N GLY B 24 -18.14 -19.57 -4.13
CA GLY B 24 -16.90 -20.07 -4.67
C GLY B 24 -16.13 -19.12 -5.57
N THR B 25 -16.62 -17.90 -5.78
CA THR B 25 -15.89 -16.87 -6.51
C THR B 25 -15.95 -15.56 -5.75
N ILE B 26 -14.88 -14.79 -5.87
CA ILE B 26 -14.82 -13.42 -5.37
C ILE B 26 -15.13 -12.46 -6.52
N THR B 27 -16.20 -11.70 -6.39
CA THR B 27 -16.55 -10.64 -7.33
C THR B 27 -16.00 -9.30 -6.87
N THR B 28 -15.99 -8.33 -7.80
CA THR B 28 -15.58 -6.97 -7.43
C THR B 28 -16.51 -6.41 -6.34
N LYS B 29 -17.79 -6.76 -6.40
CA LYS B 29 -18.75 -6.27 -5.42
C LYS B 29 -18.37 -6.74 -4.03
N GLU B 30 -18.00 -8.01 -3.88
CA GLU B 30 -17.60 -8.52 -2.58
C GLU B 30 -16.25 -7.96 -2.15
N LEU B 31 -15.35 -7.79 -3.11
CA LEU B 31 -14.04 -7.21 -2.81
C LEU B 31 -14.17 -5.76 -2.38
N GLY B 32 -15.12 -5.02 -2.97
CA GLY B 32 -15.40 -3.68 -2.49
C GLY B 32 -15.88 -3.71 -1.05
N THR B 33 -16.85 -4.58 -0.78
CA THR B 33 -17.35 -4.76 0.57
C THR B 33 -16.23 -5.01 1.57
N VAL B 34 -15.39 -6.03 1.31
CA VAL B 34 -14.30 -6.37 2.21
C VAL B 34 -13.35 -5.19 2.37
N MET B 35 -12.96 -4.57 1.25
CA MET B 35 -12.00 -3.48 1.30
C MET B 35 -12.54 -2.30 2.11
N ARG B 36 -13.84 -2.04 2.01
CA ARG B 36 -14.42 -0.95 2.78
C ARG B 36 -14.51 -1.30 4.25
N SER B 37 -14.64 -2.59 4.58
CA SER B 37 -14.62 -2.93 5.99
C SER B 37 -13.21 -2.85 6.59
N LEU B 38 -12.19 -2.65 5.77
CA LEU B 38 -10.82 -2.38 6.24
C LEU B 38 -10.49 -0.89 6.20
N GLY B 39 -11.47 -0.03 5.92
CA GLY B 39 -11.22 1.39 5.95
C GLY B 39 -10.58 1.94 4.69
N GLN B 40 -10.73 1.26 3.57
CA GLN B 40 -10.25 1.75 2.30
C GLN B 40 -11.45 1.97 1.36
N ASN B 41 -11.18 2.72 0.28
CA ASN B 41 -12.23 3.16 -0.64
C ASN B 41 -11.74 3.02 -2.08
N PRO B 42 -11.46 1.81 -2.53
CA PRO B 42 -10.99 1.65 -3.89
C PRO B 42 -12.07 1.96 -4.91
N THR B 43 -11.68 2.53 -6.03
CA THR B 43 -12.62 2.77 -7.11
C THR B 43 -13.02 1.46 -7.78
N GLU B 44 -14.14 1.51 -8.52
CA GLU B 44 -14.57 0.37 -9.33
C GLU B 44 -13.47 -0.10 -10.28
N ALA B 45 -12.74 0.85 -10.89
CA ALA B 45 -11.60 0.47 -11.74
C ALA B 45 -10.47 -0.17 -10.92
N GLU B 46 -10.27 0.25 -9.68
CA GLU B 46 -9.23 -0.36 -8.87
C GLU B 46 -9.60 -1.78 -8.48
N LEU B 47 -10.89 -2.02 -8.23
CA LEU B 47 -11.38 -3.38 -7.96
C LEU B 47 -11.27 -4.28 -9.19
N GLN B 48 -11.72 -3.78 -10.36
CA GLN B 48 -11.55 -4.56 -11.58
C GLN B 48 -10.08 -4.86 -11.85
N ASP B 49 -9.18 -3.94 -11.50
CA ASP B 49 -7.77 -4.17 -11.77
C ASP B 49 -7.18 -5.20 -10.82
N MET B 50 -7.65 -5.27 -9.59
CA MET B 50 -7.14 -6.30 -8.70
C MET B 50 -7.63 -7.69 -9.12
N ILE B 51 -8.90 -7.79 -9.50
CA ILE B 51 -9.41 -9.06 -10.01
C ILE B 51 -8.65 -9.48 -11.26
N ASN B 52 -8.47 -8.54 -12.19
CA ASN B 52 -7.83 -8.88 -13.45
C ASN B 52 -6.36 -9.27 -13.29
N GLU B 53 -5.71 -8.84 -12.21
CA GLU B 53 -4.33 -9.26 -12.00
C GLU B 53 -4.26 -10.73 -11.63
N VAL B 54 -5.29 -11.23 -10.97
CA VAL B 54 -5.37 -12.62 -10.53
C VAL B 54 -6.07 -13.49 -11.56
N ASP B 55 -7.11 -12.95 -12.19
CA ASP B 55 -8.06 -13.72 -12.97
C ASP B 55 -7.42 -14.53 -14.08
N ALA B 56 -7.18 -15.81 -13.83
CA ALA B 56 -6.47 -16.64 -14.79
C ALA B 56 -7.30 -16.88 -16.04
N ASP B 57 -8.56 -17.31 -15.87
CA ASP B 57 -9.36 -17.76 -17.00
C ASP B 57 -10.02 -16.62 -17.76
N GLY B 58 -10.25 -15.49 -17.12
CA GLY B 58 -10.86 -14.35 -17.77
C GLY B 58 -12.34 -14.20 -17.55
N ASN B 59 -12.93 -14.94 -16.60
CA ASN B 59 -14.36 -14.89 -16.36
C ASN B 59 -14.78 -13.78 -15.39
N GLY B 60 -13.88 -12.85 -15.08
CA GLY B 60 -14.23 -11.67 -14.32
C GLY B 60 -14.28 -11.83 -12.82
N THR B 61 -14.17 -13.05 -12.30
CA THR B 61 -14.18 -13.28 -10.86
C THR B 61 -13.00 -14.18 -10.48
N ILE B 62 -12.62 -14.12 -9.20
CA ILE B 62 -11.52 -14.90 -8.66
C ILE B 62 -12.06 -16.13 -7.96
N ASP B 63 -11.55 -17.29 -8.32
CA ASP B 63 -11.80 -18.53 -7.60
C ASP B 63 -10.62 -18.83 -6.68
N PHE B 64 -10.83 -19.81 -5.79
CA PHE B 64 -9.75 -20.21 -4.89
C PHE B 64 -8.47 -20.62 -5.60
N PRO B 65 -8.50 -21.37 -6.71
CA PRO B 65 -7.24 -21.61 -7.45
C PRO B 65 -6.49 -20.35 -7.81
N GLU B 66 -7.18 -19.34 -8.34
CA GLU B 66 -6.53 -18.07 -8.67
C GLU B 66 -6.14 -17.31 -7.42
N PHE B 67 -6.93 -17.46 -6.36
CA PHE B 67 -6.63 -16.82 -5.08
C PHE B 67 -5.36 -17.41 -4.47
N LEU B 68 -5.34 -18.73 -4.32
CA LEU B 68 -4.17 -19.41 -3.77
C LEU B 68 -2.93 -19.12 -4.59
N THR B 69 -3.09 -19.03 -5.90
CA THR B 69 -1.93 -18.86 -6.77
C THR B 69 -1.26 -17.51 -6.55
N MET B 70 -2.04 -16.45 -6.45
CA MET B 70 -1.38 -15.16 -6.25
C MET B 70 -0.86 -15.02 -4.82
N MET B 71 -1.38 -15.80 -3.86
CA MET B 71 -0.82 -15.77 -2.51
C MET B 71 0.66 -16.10 -2.54
N ALA B 72 1.05 -17.11 -3.33
CA ALA B 72 2.44 -17.53 -3.33
C ALA B 72 3.37 -16.48 -3.91
N ARG B 73 2.89 -15.67 -4.84
CA ARG B 73 3.72 -14.61 -5.40
C ARG B 73 4.01 -13.48 -4.40
N LYS B 74 3.44 -13.53 -3.19
CA LYS B 74 3.48 -12.40 -2.24
C LYS B 74 3.72 -12.90 -0.82
N MET B 75 4.58 -13.90 -0.67
CA MET B 75 4.70 -14.57 0.61
C MET B 75 5.70 -13.89 1.54
N LYS B 76 6.65 -13.14 0.99
CA LYS B 76 7.67 -12.52 1.83
C LYS B 76 7.07 -11.42 2.70
N ASP B 77 7.57 -11.31 3.91
CA ASP B 77 7.21 -10.27 4.86
C ASP B 77 8.42 -9.43 5.20
N THR B 78 8.16 -8.22 5.69
CA THR B 78 9.20 -7.35 6.18
C THR B 78 8.73 -6.76 7.50
N ASP B 79 9.69 -6.37 8.34
CA ASP B 79 9.35 -5.83 9.65
C ASP B 79 8.68 -4.46 9.52
N SER B 80 7.93 -4.11 10.56
CA SER B 80 7.06 -2.93 10.54
C SER B 80 7.53 -1.83 11.47
N GLU B 81 8.74 -1.94 12.03
CA GLU B 81 9.19 -1.06 13.10
C GLU B 81 9.13 0.41 12.68
N GLU B 82 9.61 0.74 11.49
CA GLU B 82 9.65 2.14 11.08
C GLU B 82 8.24 2.70 10.84
N GLU B 83 7.33 1.90 10.29
CA GLU B 83 5.96 2.37 10.13
C GLU B 83 5.29 2.59 11.49
N ILE B 84 5.56 1.73 12.46
CA ILE B 84 4.96 1.92 13.77
C ILE B 84 5.53 3.17 14.43
N ARG B 85 6.83 3.42 14.27
CA ARG B 85 7.42 4.61 14.86
C ARG B 85 6.81 5.89 14.28
N GLU B 86 6.51 5.91 12.98
CA GLU B 86 5.91 7.11 12.41
C GLU B 86 4.47 7.32 12.89
N ALA B 87 3.73 6.23 13.16
CA ALA B 87 2.43 6.38 13.80
C ALA B 87 2.55 7.06 15.17
N PHE B 88 3.61 6.74 15.92
CA PHE B 88 3.87 7.43 17.18
C PHE B 88 4.22 8.90 16.97
N ARG B 89 4.99 9.20 15.92
CA ARG B 89 5.42 10.57 15.69
C ARG B 89 4.24 11.51 15.46
N VAL B 90 3.13 10.99 14.92
CA VAL B 90 1.92 11.78 14.73
C VAL B 90 1.56 12.54 16.00
N PHE B 91 1.79 11.92 17.15
CA PHE B 91 1.43 12.49 18.42
C PHE B 91 2.58 13.18 19.12
N ASP B 92 3.73 13.30 18.45
CA ASP B 92 4.91 13.93 19.02
C ASP B 92 4.87 15.40 18.64
N LYS B 93 4.21 16.21 19.48
CA LYS B 93 3.95 17.61 19.13
C LYS B 93 5.24 18.39 18.95
N ASP B 94 6.17 18.25 19.88
CA ASP B 94 7.43 18.98 19.81
C ASP B 94 8.38 18.41 18.77
N GLY B 95 8.11 17.22 18.23
CA GLY B 95 9.09 16.56 17.39
C GLY B 95 10.39 16.23 18.10
N ASN B 96 10.36 16.01 19.41
CA ASN B 96 11.56 15.71 20.17
C ASN B 96 11.73 14.23 20.48
N GLY B 97 10.97 13.36 19.84
CA GLY B 97 11.10 11.95 20.12
C GLY B 97 10.44 11.47 21.40
N TYR B 98 9.76 12.35 22.13
CA TYR B 98 9.06 11.97 23.33
C TYR B 98 7.56 12.27 23.24
N ILE B 99 6.79 11.48 23.98
CA ILE B 99 5.37 11.71 24.18
C ILE B 99 5.14 11.42 25.65
N SER B 100 4.53 12.35 26.36
CA SER B 100 4.38 12.13 27.77
C SER B 100 3.36 11.02 28.00
N ALA B 101 3.46 10.39 29.18
CA ALA B 101 2.50 9.37 29.56
C ALA B 101 1.11 9.95 29.60
N ALA B 102 0.96 11.16 30.15
CA ALA B 102 -0.36 11.79 30.15
C ALA B 102 -0.86 12.00 28.72
N GLU B 103 -0.01 12.46 27.81
CA GLU B 103 -0.46 12.64 26.43
C GLU B 103 -0.82 11.31 25.80
N LEU B 104 -0.04 10.26 26.07
CA LEU B 104 -0.33 8.95 25.52
C LEU B 104 -1.65 8.39 26.04
N ARG B 105 -1.96 8.60 27.34
CA ARG B 105 -3.23 8.16 27.88
C ARG B 105 -4.38 8.90 27.23
N HIS B 106 -4.21 10.21 27.03
CA HIS B 106 -5.26 10.99 26.39
C HIS B 106 -5.52 10.49 24.98
N VAL B 107 -4.45 10.14 24.25
CA VAL B 107 -4.63 9.67 22.88
C VAL B 107 -5.33 8.32 22.87
N MET B 108 -4.86 7.39 23.72
CA MET B 108 -5.36 6.02 23.66
C MET B 108 -6.79 5.90 24.15
N THR B 109 -7.25 6.84 24.97
CA THR B 109 -8.60 6.82 25.48
C THR B 109 -9.53 7.79 24.76
N ASN B 110 -9.09 8.42 23.67
CA ASN B 110 -9.97 9.35 22.96
C ASN B 110 -9.97 9.15 21.44
N LEU B 111 -8.90 8.62 20.87
CA LEU B 111 -8.77 8.47 19.43
C LEU B 111 -8.85 7.02 18.98
N GLY B 112 -9.27 6.81 17.74
CA GLY B 112 -9.46 5.49 17.18
C GLY B 112 -10.44 4.68 18.00
N GLU B 113 -10.19 3.37 18.05
CA GLU B 113 -11.07 2.44 18.75
C GLU B 113 -10.95 2.49 20.27
N LYS B 114 -9.93 3.16 20.83
CA LYS B 114 -9.76 3.42 22.27
C LYS B 114 -9.30 2.21 23.09
N LEU B 115 -8.77 2.50 24.27
CA LEU B 115 -8.41 1.52 25.29
C LEU B 115 -9.02 1.93 26.62
N THR B 116 -9.26 0.96 27.49
CA THR B 116 -9.71 1.32 28.83
C THR B 116 -8.57 1.93 29.64
N ASP B 117 -8.93 2.73 30.64
CA ASP B 117 -7.89 3.32 31.48
C ASP B 117 -7.06 2.25 32.15
N GLU B 118 -7.67 1.09 32.43
CA GLU B 118 -6.91 -0.05 32.96
C GLU B 118 -5.94 -0.60 31.91
N GLU B 119 -6.42 -0.80 30.67
CA GLU B 119 -5.54 -1.23 29.57
C GLU B 119 -4.42 -0.24 29.33
N VAL B 120 -4.72 1.05 29.37
CA VAL B 120 -3.68 2.06 29.14
C VAL B 120 -2.61 1.99 30.23
N ASP B 121 -3.01 1.67 31.47
CA ASP B 121 -2.05 1.56 32.56
C ASP B 121 -0.96 0.55 32.24
N GLU B 122 -1.36 -0.67 31.88
CA GLU B 122 -0.39 -1.69 31.52
C GLU B 122 0.52 -1.21 30.40
N MET B 123 -0.06 -0.56 29.39
CA MET B 123 0.72 -0.11 28.25
C MET B 123 1.80 0.88 28.69
N ILE B 124 1.44 1.83 29.55
CA ILE B 124 2.41 2.84 30.00
C ILE B 124 3.42 2.23 30.96
N ARG B 125 2.99 1.29 31.81
CA ARG B 125 3.96 0.55 32.62
C ARG B 125 5.11 0.02 31.75
N GLU B 126 4.79 -0.48 30.54
CA GLU B 126 5.81 -0.99 29.63
C GLU B 126 6.49 0.12 28.84
N ALA B 127 5.73 1.15 28.46
CA ALA B 127 6.26 2.16 27.56
C ALA B 127 7.19 3.13 28.27
N ASP B 128 6.87 3.52 29.51
CA ASP B 128 7.75 4.42 30.25
C ASP B 128 8.83 3.58 30.92
N ILE B 129 9.83 3.23 30.12
CA ILE B 129 10.95 2.40 30.55
C ILE B 129 11.72 3.05 31.71
N ASP B 130 11.94 4.35 31.65
CA ASP B 130 12.75 5.00 32.68
C ASP B 130 11.94 5.47 33.87
N GLY B 131 10.64 5.21 33.87
CA GLY B 131 9.76 5.71 34.93
C GLY B 131 9.82 7.20 35.15
N ASP B 132 9.89 8.00 34.08
CA ASP B 132 9.97 9.45 34.20
C ASP B 132 8.75 10.14 33.58
N GLY B 133 7.68 9.38 33.31
CA GLY B 133 6.47 9.94 32.79
C GLY B 133 6.54 10.37 31.35
N GLN B 134 7.60 9.97 30.64
CA GLN B 134 7.85 10.27 29.24
C GLN B 134 8.13 8.97 28.51
N VAL B 135 7.54 8.82 27.32
CA VAL B 135 7.73 7.62 26.52
C VAL B 135 8.63 7.99 25.35
N ASN B 136 9.83 7.43 25.33
CA ASN B 136 10.74 7.47 24.18
C ASN B 136 10.26 6.40 23.21
N TYR B 137 9.44 6.81 22.25
CA TYR B 137 8.65 5.80 21.57
C TYR B 137 9.49 4.97 20.60
N GLU B 138 10.60 5.50 20.11
CA GLU B 138 11.49 4.68 19.32
C GLU B 138 12.03 3.51 20.14
N GLU B 139 12.43 3.76 21.39
CA GLU B 139 12.85 2.67 22.27
C GLU B 139 11.71 1.72 22.53
N PHE B 140 10.53 2.26 22.84
CA PHE B 140 9.37 1.43 23.13
C PHE B 140 8.99 0.55 21.93
N VAL B 141 9.12 1.07 20.71
CA VAL B 141 8.77 0.31 19.53
C VAL B 141 9.81 -0.75 19.24
N GLN B 142 11.09 -0.43 19.47
CA GLN B 142 12.12 -1.45 19.30
C GLN B 142 11.92 -2.59 20.27
N MET B 143 11.46 -2.30 21.49
CA MET B 143 11.19 -3.35 22.44
C MET B 143 10.03 -4.24 22.01
N MET B 144 9.04 -3.66 21.34
CA MET B 144 7.86 -4.44 20.96
C MET B 144 8.07 -5.23 19.68
N THR B 145 8.96 -4.79 18.79
CA THR B 145 9.24 -5.47 17.54
C THR B 145 10.46 -6.38 17.61
N ALA B 146 11.12 -6.47 18.75
CA ALA B 146 12.30 -7.33 18.86
C ALA B 146 11.91 -8.79 19.11
S SO4 C . 3.88 21.06 -31.75
O1 SO4 C . 3.84 20.28 -30.52
O2 SO4 C . 3.62 20.17 -32.86
O3 SO4 C . 5.20 21.69 -31.90
O4 SO4 C . 2.84 22.09 -31.71
S SO4 D . -1.04 22.84 -28.43
O1 SO4 D . -1.31 21.70 -27.54
O2 SO4 D . -0.30 22.39 -29.61
O3 SO4 D . -0.26 23.84 -27.70
O4 SO4 D . -2.30 23.44 -28.84
S SO4 E . 13.68 -7.62 4.61
O1 SO4 E . 12.96 -8.49 3.69
O2 SO4 E . 14.58 -8.44 5.41
O3 SO4 E . 12.73 -6.95 5.49
O4 SO4 E . 14.44 -6.64 3.85
CL1 1KP F . -4.65 -10.13 -4.62
C4 1KP F . -3.04 -9.52 -5.14
C3 1KP F . -1.93 -9.61 -4.31
C2 1KP F . -0.67 -9.14 -4.69
C5 1KP F . -2.91 -8.90 -6.49
CL 1KP F . -4.37 -8.78 -7.54
C6 1KP F . -1.58 -8.39 -6.93
C1 1KP F . -0.47 -8.55 -5.93
N1 1KP F . -1.14 -7.79 -8.06
C7 1KP F . 0.18 -7.52 -7.94
O1 1KP F . 0.89 -6.97 -8.85
C 1KP F . 0.69 -7.97 -6.63
N 1KP F . 1.97 -7.86 -6.17
O 1KP F . 2.97 -7.29 -6.96
C1 GOL G . -5.77 -21.63 16.51
O1 GOL G . -4.88 -22.18 17.45
C2 GOL G . -7.05 -21.19 17.20
O2 GOL G . -7.96 -22.27 17.21
C3 GOL G . -6.74 -20.81 18.64
O3 GOL G . -7.86 -20.17 19.21
CA CA H . -19.03 -14.73 -4.22
CA CA I . -11.92 -17.01 -12.29
S SO4 J . -8.97 13.89 28.79
O1 SO4 J . -9.70 12.66 28.51
O2 SO4 J . -7.56 13.70 28.45
O3 SO4 J . -9.54 14.98 28.00
O4 SO4 J . -9.07 14.20 30.21
#